data_6P9K
#
_entry.id   6P9K
#
_cell.length_a   77.505
_cell.length_b   77.505
_cell.length_c   145.167
_cell.angle_alpha   90.000
_cell.angle_beta   90.000
_cell.angle_gamma   120.000
#
_symmetry.space_group_name_H-M   'P 31 2 1'
#
loop_
_entity.id
_entity.type
_entity.pdbx_description
1 polymer '3-oxoacyl-ACP synthase'
2 non-polymer 'SODIUM ION'
3 non-polymer 'ISOPROPYL ALCOHOL'
4 non-polymer GLYCEROL
5 non-polymer N-(2-cyano-3-methyl-1H-indol-5-yl)butane-1-sulfonamide
6 water water
#
_entity_poly.entity_id   1
_entity_poly.type   'polypeptide(L)'
_entity_poly.pdbx_seq_one_letter_code
;QPSTANGGFPSVVVTAVTATTSISPDIESTWKGLLAGESGIHALEDEFVTKWDLAVKIGGHLKDPVDSHMGRLDMRRMSY
VQRMGKLLGGQLWESAGSPEVDPDRFAVVVGTGLGGAERIVESYDLMNAGGPRKVSPLAVQMIMPNGAAAVIGLQLGARA
GVMTPVSACSSGSEAIAHAWRQIVMGDADVAVCGGVEGPIEALPIAAFSMMRAMSTRNDEPERASRPFDKDRDGFVFGEA
GALMLIETEEHAKARGAKPLARLLGAGITSDAFHMVAPAADGVRAGRAMTRSLELAGLSPADIDHVNAHGTATPIGDAAE
ANAIRVAGCDQAAVYAPKSALGHSIGAVGALESVLTVLTLRDGVIPPTLNYETPDPEIDLDVVAGEPRYGDYRYAVNNSF
GFGGHNVALAFGRY
;
_entity_poly.pdbx_strand_id   A
#
loop_
_chem_comp.id
_chem_comp.type
_chem_comp.name
_chem_comp.formula
GOL non-polymer GLYCEROL 'C3 H8 O3'
IPA non-polymer 'ISOPROPYL ALCOHOL' 'C3 H8 O'
NA non-polymer 'SODIUM ION' 'Na 1'
O6G non-polymer N-(2-cyano-3-methyl-1H-indol-5-yl)butane-1-sulfonamide 'C14 H17 N3 O2 S'
#
# COMPACT_ATOMS: atom_id res chain seq x y z
N GLN A 1 -10.07 -29.07 2.78
CA GLN A 1 -9.95 -27.62 2.82
C GLN A 1 -9.25 -27.08 1.59
N PRO A 2 -9.94 -26.24 0.81
CA PRO A 2 -9.34 -25.73 -0.42
C PRO A 2 -8.11 -24.88 -0.13
N SER A 3 -7.11 -25.02 -1.00
CA SER A 3 -5.96 -24.12 -1.00
C SER A 3 -5.57 -23.88 -2.45
N THR A 4 -4.72 -22.89 -2.66
CA THR A 4 -4.19 -22.69 -4.01
C THR A 4 -3.34 -23.88 -4.41
N ALA A 5 -2.51 -24.37 -3.50
CA ALA A 5 -1.63 -25.49 -3.80
C ALA A 5 -2.39 -26.75 -4.21
N ASN A 6 -3.51 -27.05 -3.55
CA ASN A 6 -4.21 -28.30 -3.85
C ASN A 6 -5.30 -28.13 -4.91
N GLY A 7 -5.42 -26.95 -5.51
CA GLY A 7 -6.36 -26.72 -6.59
C GLY A 7 -7.76 -26.33 -6.16
N GLY A 8 -8.03 -26.26 -4.85
CA GLY A 8 -9.34 -25.83 -4.39
C GLY A 8 -9.69 -24.39 -4.74
N PHE A 9 -8.69 -23.55 -4.91
CA PHE A 9 -8.86 -22.21 -5.44
C PHE A 9 -8.21 -22.13 -6.81
N PRO A 10 -8.78 -21.37 -7.75
CA PRO A 10 -8.09 -21.18 -9.04
C PRO A 10 -6.77 -20.45 -8.83
N SER A 11 -5.82 -20.74 -9.72
CA SER A 11 -4.58 -19.98 -9.74
C SER A 11 -4.84 -18.54 -10.18
N VAL A 12 -4.28 -17.59 -9.42
CA VAL A 12 -4.44 -16.17 -9.67
C VAL A 12 -3.06 -15.56 -9.84
N VAL A 13 -2.88 -14.76 -10.90
CA VAL A 13 -1.58 -14.18 -11.19
C VAL A 13 -1.67 -12.67 -11.28
N VAL A 14 -0.54 -12.03 -11.04
CA VAL A 14 -0.38 -10.58 -11.17
C VAL A 14 0.19 -10.33 -12.55
N THR A 15 -0.51 -9.53 -13.38
CA THR A 15 -0.11 -9.34 -14.76
C THR A 15 0.30 -7.92 -15.11
N ALA A 16 0.10 -6.95 -14.22
CA ALA A 16 0.50 -5.57 -14.49
C ALA A 16 0.53 -4.83 -13.17
N VAL A 17 1.41 -3.82 -13.08
CA VAL A 17 1.53 -3.03 -11.86
C VAL A 17 1.78 -1.59 -12.25
N THR A 18 1.34 -0.67 -11.40
CA THR A 18 1.59 0.74 -11.61
CA THR A 18 1.50 0.76 -11.61
C THR A 18 1.66 1.41 -10.24
N ALA A 19 2.50 2.43 -10.15
CA ALA A 19 2.54 3.17 -8.89
C ALA A 19 3.13 4.55 -9.13
N THR A 20 2.74 5.51 -8.28
CA THR A 20 3.38 6.81 -8.24
C THR A 20 3.93 6.97 -6.82
N THR A 21 5.19 7.41 -6.70
CA THR A 21 5.85 7.43 -5.39
C THR A 21 6.67 8.70 -5.23
N SER A 22 7.25 8.86 -4.03
CA SER A 22 8.15 9.98 -3.78
C SER A 22 9.47 9.85 -4.56
N ILE A 23 9.78 8.67 -5.08
CA ILE A 23 10.99 8.52 -5.92
C ILE A 23 10.70 8.75 -7.41
N SER A 24 9.57 8.27 -7.93
CA SER A 24 9.34 8.33 -9.37
C SER A 24 7.87 8.14 -9.66
N PRO A 25 7.37 8.65 -10.79
CA PRO A 25 6.03 8.25 -11.25
C PRO A 25 6.01 6.92 -11.96
N ASP A 26 7.16 6.34 -12.28
N ASP A 26 7.16 6.35 -12.27
CA ASP A 26 7.25 5.09 -13.04
CA ASP A 26 7.30 5.10 -13.02
C ASP A 26 7.72 4.00 -12.09
C ASP A 26 7.70 4.01 -12.02
N ILE A 27 6.87 2.98 -11.85
CA ILE A 27 7.19 1.92 -10.89
C ILE A 27 8.54 1.27 -11.21
N GLU A 28 8.85 1.05 -12.48
CA GLU A 28 10.15 0.43 -12.75
C GLU A 28 11.30 1.34 -12.36
N SER A 29 11.12 2.67 -12.49
CA SER A 29 12.14 3.61 -12.04
C SER A 29 12.19 3.70 -10.53
N THR A 30 11.04 3.61 -9.86
CA THR A 30 11.03 3.52 -8.39
C THR A 30 11.86 2.33 -7.95
N TRP A 31 11.62 1.16 -8.57
CA TRP A 31 12.33 -0.06 -8.22
C TRP A 31 13.84 0.10 -8.42
N LYS A 32 14.25 0.61 -9.58
CA LYS A 32 15.67 0.88 -9.81
C LYS A 32 16.25 1.79 -8.74
N GLY A 33 15.50 2.83 -8.37
CA GLY A 33 15.99 3.74 -7.34
C GLY A 33 16.12 3.07 -5.99
N LEU A 34 15.14 2.24 -5.62
CA LEU A 34 15.25 1.53 -4.34
C LEU A 34 16.49 0.66 -4.32
N LEU A 35 16.74 -0.04 -5.42
CA LEU A 35 17.93 -0.89 -5.49
C LEU A 35 19.21 -0.06 -5.41
N ALA A 36 19.16 1.19 -5.89
CA ALA A 36 20.32 2.07 -5.83
C ALA A 36 20.46 2.74 -4.47
N GLY A 37 19.58 2.46 -3.52
CA GLY A 37 19.68 3.06 -2.22
C GLY A 37 19.09 4.44 -2.11
N GLU A 38 18.25 4.86 -3.08
CA GLU A 38 17.65 6.18 -3.04
C GLU A 38 16.55 6.27 -2.00
N SER A 39 16.40 7.47 -1.46
CA SER A 39 15.28 7.79 -0.59
C SER A 39 14.38 8.81 -1.26
N GLY A 40 13.06 8.67 -1.02
CA GLY A 40 12.14 9.71 -1.42
C GLY A 40 11.86 10.76 -0.37
N ILE A 41 12.56 10.73 0.77
CA ILE A 41 12.18 11.52 1.93
C ILE A 41 13.12 12.72 2.01
N HIS A 42 12.56 13.93 2.03
CA HIS A 42 13.38 15.14 2.00
C HIS A 42 12.82 16.17 2.98
N ALA A 43 13.55 17.29 3.13
CA ALA A 43 12.99 18.41 3.89
C ALA A 43 11.75 18.94 3.17
N LEU A 44 10.67 19.15 3.93
CA LEU A 44 9.47 19.71 3.33
C LEU A 44 9.65 21.20 3.07
N GLU A 45 9.42 21.61 1.83
CA GLU A 45 9.56 23.02 1.47
CA GLU A 45 9.55 23.01 1.44
C GLU A 45 8.24 23.77 1.52
N ASP A 46 7.14 23.10 1.88
CA ASP A 46 5.83 23.75 1.87
C ASP A 46 5.76 24.90 2.86
N GLU A 47 5.04 25.95 2.46
CA GLU A 47 4.83 27.09 3.34
C GLU A 47 4.13 26.67 4.64
N PHE A 48 3.29 25.64 4.59
CA PHE A 48 2.55 25.27 5.81
C PHE A 48 3.46 24.81 6.94
N VAL A 49 4.67 24.33 6.63
CA VAL A 49 5.57 23.91 7.68
C VAL A 49 6.00 25.09 8.53
N THR A 50 6.43 26.17 7.86
CA THR A 50 6.84 27.35 8.61
C THR A 50 5.65 28.10 9.18
N LYS A 51 4.49 28.05 8.52
CA LYS A 51 3.31 28.73 9.05
C LYS A 51 2.94 28.20 10.44
N TRP A 52 3.04 26.89 10.64
CA TRP A 52 2.65 26.28 11.89
C TRP A 52 3.84 25.88 12.77
N ASP A 53 5.07 26.08 12.31
CA ASP A 53 6.27 25.58 12.98
C ASP A 53 6.08 24.13 13.41
N LEU A 54 5.69 23.29 12.45
CA LEU A 54 5.41 21.89 12.74
C LEU A 54 6.65 21.20 13.28
N ALA A 55 6.43 20.30 14.24
CA ALA A 55 7.52 19.50 14.80
C ALA A 55 8.14 18.60 13.74
N VAL A 56 7.32 18.12 12.80
CA VAL A 56 7.77 17.30 11.67
C VAL A 56 7.97 18.21 10.47
N LYS A 57 9.18 18.20 9.91
CA LYS A 57 9.52 19.07 8.78
C LYS A 57 10.09 18.25 7.63
N ILE A 58 9.71 16.98 7.55
CA ILE A 58 10.27 16.06 6.55
C ILE A 58 9.14 15.20 6.00
N GLY A 59 9.39 14.63 4.83
CA GLY A 59 8.40 13.78 4.20
C GLY A 59 8.72 13.64 2.73
N GLY A 60 8.00 12.73 2.08
CA GLY A 60 8.19 12.56 0.65
C GLY A 60 6.94 12.90 -0.16
N HIS A 61 6.93 14.07 -0.78
CA HIS A 61 5.87 14.34 -1.77
C HIS A 61 6.14 13.48 -3.01
N LEU A 62 5.07 13.21 -3.78
CA LEU A 62 5.26 12.52 -5.05
C LEU A 62 6.28 13.25 -5.91
N LYS A 63 7.13 12.47 -6.57
CA LYS A 63 8.09 13.07 -7.49
C LYS A 63 7.37 13.82 -8.60
N ASP A 64 6.29 13.23 -9.08
CA ASP A 64 5.47 13.77 -10.17
C ASP A 64 4.08 14.03 -9.59
N PRO A 65 3.73 15.28 -9.28
CA PRO A 65 2.42 15.54 -8.67
C PRO A 65 1.26 15.07 -9.56
N VAL A 66 0.26 14.47 -8.93
CA VAL A 66 -0.91 14.00 -9.67
C VAL A 66 -1.51 15.12 -10.51
N ASP A 67 -1.65 16.31 -9.93
CA ASP A 67 -2.37 17.36 -10.63
C ASP A 67 -1.57 17.98 -11.77
N SER A 68 -0.28 17.66 -11.90
CA SER A 68 0.41 18.06 -13.12
C SER A 68 -0.17 17.36 -14.35
N HIS A 69 -1.01 16.35 -14.14
CA HIS A 69 -1.68 15.59 -15.18
C HIS A 69 -3.17 15.91 -15.27
N MET A 70 -3.65 16.88 -14.52
CA MET A 70 -5.09 17.13 -14.41
C MET A 70 -5.41 18.51 -14.96
N GLY A 71 -6.33 18.56 -15.94
CA GLY A 71 -6.78 19.83 -16.49
C GLY A 71 -7.90 20.43 -15.67
N ARG A 72 -8.46 21.52 -16.20
CA ARG A 72 -9.48 22.27 -15.47
C ARG A 72 -10.68 21.41 -15.13
N LEU A 73 -11.11 20.55 -16.06
CA LEU A 73 -12.32 19.78 -15.84
C LEU A 73 -12.12 18.76 -14.72
N ASP A 74 -11.01 18.02 -14.76
CA ASP A 74 -10.78 17.03 -13.71
C ASP A 74 -10.59 17.71 -12.36
N MET A 75 -9.97 18.89 -12.36
CA MET A 75 -9.77 19.61 -11.11
C MET A 75 -11.09 20.06 -10.49
N ARG A 76 -12.16 20.15 -11.28
CA ARG A 76 -13.44 20.60 -10.76
C ARG A 76 -14.44 19.48 -10.51
N ARG A 77 -14.21 18.28 -11.06
CA ARG A 77 -15.23 17.24 -10.96
CA ARG A 77 -15.21 17.22 -10.99
C ARG A 77 -14.80 16.05 -10.11
N MET A 78 -13.57 16.05 -9.57
CA MET A 78 -13.06 14.91 -8.82
C MET A 78 -12.30 15.36 -7.58
N SER A 79 -12.43 14.61 -6.50
CA SER A 79 -11.54 14.80 -5.35
C SER A 79 -10.11 14.36 -5.68
N TYR A 80 -9.17 14.67 -4.78
CA TYR A 80 -7.78 14.31 -5.05
C TYR A 80 -7.61 12.80 -5.25
N VAL A 81 -8.18 11.99 -4.35
CA VAL A 81 -7.94 10.56 -4.49
C VAL A 81 -8.58 10.03 -5.75
N GLN A 82 -9.66 10.65 -6.21
CA GLN A 82 -10.27 10.26 -7.48
C GLN A 82 -9.36 10.60 -8.65
N ARG A 83 -8.74 11.79 -8.61
CA ARG A 83 -7.77 12.15 -9.65
C ARG A 83 -6.61 11.17 -9.66
N MET A 84 -6.08 10.82 -8.49
CA MET A 84 -5.01 9.84 -8.46
C MET A 84 -5.49 8.50 -9.00
N GLY A 85 -6.69 8.07 -8.61
CA GLY A 85 -7.22 6.82 -9.12
C GLY A 85 -7.37 6.80 -10.64
N LYS A 86 -7.91 7.89 -11.23
CA LYS A 86 -8.06 7.95 -12.68
C LYS A 86 -6.71 7.89 -13.37
N LEU A 87 -5.72 8.58 -12.79
CA LEU A 87 -4.39 8.58 -13.38
C LEU A 87 -3.80 7.18 -13.39
N LEU A 88 -3.80 6.52 -12.23
CA LEU A 88 -3.20 5.20 -12.11
C LEU A 88 -4.01 4.15 -12.86
N GLY A 89 -5.34 4.27 -12.83
CA GLY A 89 -6.15 3.33 -13.59
C GLY A 89 -5.80 3.30 -15.06
N GLY A 90 -5.65 4.49 -15.66
CA GLY A 90 -5.35 4.53 -17.09
C GLY A 90 -3.95 4.05 -17.39
N GLN A 91 -3.00 4.37 -16.51
CA GLN A 91 -1.63 3.90 -16.64
C GLN A 91 -1.57 2.38 -16.56
N LEU A 92 -2.27 1.80 -15.57
CA LEU A 92 -2.27 0.36 -15.40
C LEU A 92 -2.82 -0.33 -16.63
N TRP A 93 -3.96 0.16 -17.13
CA TRP A 93 -4.59 -0.49 -18.28
C TRP A 93 -3.69 -0.44 -19.50
N GLU A 94 -3.04 0.70 -19.74
CA GLU A 94 -2.07 0.78 -20.83
C GLU A 94 -0.94 -0.22 -20.65
N SER A 95 -0.40 -0.33 -19.44
CA SER A 95 0.69 -1.27 -19.15
C SER A 95 0.28 -2.72 -19.39
N ALA A 96 -0.99 -3.04 -19.19
CA ALA A 96 -1.53 -4.37 -19.39
C ALA A 96 -1.83 -4.67 -20.86
N GLY A 97 -1.60 -3.73 -21.74
CA GLY A 97 -1.88 -3.93 -23.15
C GLY A 97 -3.30 -3.58 -23.53
N SER A 98 -3.98 -2.77 -22.72
CA SER A 98 -5.36 -2.35 -22.93
C SER A 98 -6.28 -3.51 -23.29
N PRO A 99 -6.33 -4.56 -22.48
CA PRO A 99 -7.06 -5.76 -22.89
C PRO A 99 -8.55 -5.53 -22.94
N GLU A 100 -9.21 -6.29 -23.82
CA GLU A 100 -10.68 -6.28 -23.89
C GLU A 100 -11.16 -7.45 -23.05
N VAL A 101 -11.63 -7.13 -21.85
CA VAL A 101 -12.11 -8.16 -20.94
C VAL A 101 -13.64 -8.11 -20.92
N ASP A 102 -14.23 -9.14 -20.36
CA ASP A 102 -15.67 -9.21 -20.15
C ASP A 102 -16.01 -8.31 -18.98
N PRO A 103 -16.72 -7.19 -19.18
CA PRO A 103 -17.03 -6.32 -18.05
C PRO A 103 -17.72 -7.04 -16.92
N ASP A 104 -18.53 -8.04 -17.25
CA ASP A 104 -19.30 -8.76 -16.24
C ASP A 104 -18.46 -9.74 -15.43
N ARG A 105 -17.17 -9.90 -15.76
CA ARG A 105 -16.26 -10.73 -15.00
C ARG A 105 -15.07 -9.93 -14.46
N PHE A 106 -15.21 -8.60 -14.41
CA PHE A 106 -14.15 -7.66 -14.11
C PHE A 106 -14.55 -6.82 -12.90
N ALA A 107 -13.75 -6.92 -11.81
CA ALA A 107 -14.02 -6.19 -10.57
C ALA A 107 -12.93 -5.15 -10.32
N VAL A 108 -13.26 -4.14 -9.50
CA VAL A 108 -12.30 -3.14 -9.04
C VAL A 108 -12.38 -3.11 -7.52
N VAL A 109 -11.24 -3.18 -6.83
CA VAL A 109 -11.24 -3.05 -5.36
C VAL A 109 -10.12 -2.08 -4.99
N VAL A 110 -10.46 -0.90 -4.50
CA VAL A 110 -9.43 0.11 -4.23
C VAL A 110 -9.67 0.66 -2.82
N GLY A 111 -8.70 0.46 -1.96
CA GLY A 111 -8.81 0.97 -0.61
C GLY A 111 -8.28 2.39 -0.52
N THR A 112 -8.66 3.06 0.55
CA THR A 112 -8.16 4.40 0.81
C THR A 112 -8.34 4.65 2.30
N GLY A 113 -7.54 5.56 2.84
CA GLY A 113 -7.58 5.78 4.28
C GLY A 113 -8.72 6.67 4.72
N LEU A 114 -9.17 7.59 3.86
CA LEU A 114 -10.10 8.63 4.29
C LEU A 114 -11.16 8.91 3.24
N GLY A 115 -10.74 9.32 2.02
CA GLY A 115 -11.72 9.57 0.97
C GLY A 115 -11.53 10.96 0.41
N GLY A 116 -12.62 11.51 -0.13
CA GLY A 116 -12.57 12.83 -0.74
C GLY A 116 -12.73 13.97 0.24
N ALA A 117 -11.98 13.93 1.34
CA ALA A 117 -12.33 14.73 2.52
C ALA A 117 -12.14 16.22 2.28
N GLU A 118 -11.22 16.62 1.41
CA GLU A 118 -11.03 18.05 1.20
C GLU A 118 -12.28 18.66 0.57
N ARG A 119 -13.07 17.86 -0.12
CA ARG A 119 -14.30 18.40 -0.70
C ARG A 119 -15.38 18.59 0.34
N ILE A 120 -15.27 17.97 1.52
CA ILE A 120 -16.21 18.29 2.59
C ILE A 120 -15.98 19.73 3.05
N VAL A 121 -14.72 20.09 3.32
CA VAL A 121 -14.41 21.44 3.75
C VAL A 121 -14.82 22.45 2.68
N GLU A 122 -14.53 22.15 1.41
CA GLU A 122 -14.88 23.08 0.35
C GLU A 122 -16.38 23.31 0.27
N SER A 123 -17.17 22.24 0.37
CA SER A 123 -18.62 22.38 0.31
C SER A 123 -19.15 23.15 1.52
N TYR A 124 -18.60 22.83 2.69
CA TYR A 124 -18.85 23.57 3.92
C TYR A 124 -18.62 25.07 3.72
N ASP A 125 -17.46 25.45 3.16
CA ASP A 125 -17.16 26.87 2.93
C ASP A 125 -18.08 27.47 1.89
N LEU A 126 -18.37 26.75 0.81
CA LEU A 126 -19.22 27.28 -0.25
C LEU A 126 -20.62 27.59 0.27
N MET A 127 -21.17 26.68 1.08
CA MET A 127 -22.52 26.89 1.61
C MET A 127 -22.53 28.03 2.62
N ASN A 128 -21.50 28.10 3.47
CA ASN A 128 -21.41 29.19 4.44
C ASN A 128 -21.37 30.55 3.75
N ALA A 129 -20.70 30.64 2.61
CA ALA A 129 -20.58 31.91 1.92
C ALA A 129 -21.76 32.20 1.00
N GLY A 130 -22.44 31.17 0.48
CA GLY A 130 -23.42 31.42 -0.56
C GLY A 130 -24.74 30.69 -0.46
N GLY A 131 -24.91 29.86 0.57
CA GLY A 131 -26.16 29.16 0.77
C GLY A 131 -26.16 27.78 0.14
N PRO A 132 -27.23 27.02 0.38
CA PRO A 132 -27.24 25.61 -0.04
C PRO A 132 -27.12 25.40 -1.54
N ARG A 133 -27.58 26.35 -2.36
CA ARG A 133 -27.49 26.14 -3.80
C ARG A 133 -26.09 26.36 -4.36
N LYS A 134 -25.13 26.78 -3.52
CA LYS A 134 -23.74 26.89 -3.95
C LYS A 134 -22.95 25.62 -3.73
N VAL A 135 -23.55 24.59 -3.13
CA VAL A 135 -22.94 23.26 -3.08
C VAL A 135 -23.10 22.60 -4.45
N SER A 136 -22.06 21.92 -4.91
CA SER A 136 -22.08 21.39 -6.27
C SER A 136 -22.98 20.16 -6.35
N PRO A 137 -23.69 19.98 -7.46
CA PRO A 137 -24.35 18.67 -7.70
C PRO A 137 -23.37 17.55 -7.75
N LEU A 138 -22.06 17.85 -7.89
CA LEU A 138 -21.06 16.80 -7.86
C LEU A 138 -20.49 16.55 -6.47
N ALA A 139 -20.93 17.28 -5.44
CA ALA A 139 -20.28 17.17 -4.13
C ALA A 139 -20.37 15.74 -3.58
N VAL A 140 -21.56 15.12 -3.63
CA VAL A 140 -21.70 13.78 -3.05
C VAL A 140 -20.71 12.83 -3.71
N GLN A 141 -20.68 12.81 -5.06
CA GLN A 141 -19.83 11.81 -5.71
C GLN A 141 -18.34 12.09 -5.54
N MET A 142 -17.96 13.34 -5.22
CA MET A 142 -16.55 13.63 -4.95
C MET A 142 -16.18 13.27 -3.52
N ILE A 143 -17.11 13.45 -2.58
CA ILE A 143 -16.82 13.25 -1.16
C ILE A 143 -16.81 11.77 -0.80
N MET A 144 -17.73 11.00 -1.35
CA MET A 144 -17.96 9.64 -0.84
C MET A 144 -16.67 8.83 -0.93
N PRO A 145 -16.29 8.09 0.11
CA PRO A 145 -14.98 7.42 0.06
C PRO A 145 -14.91 6.32 -0.96
N ASN A 146 -16.06 5.78 -1.40
CA ASN A 146 -16.06 4.83 -2.51
C ASN A 146 -15.77 5.53 -3.84
N GLY A 147 -15.53 6.84 -3.84
CA GLY A 147 -15.46 7.58 -5.10
C GLY A 147 -14.29 7.21 -6.00
N ALA A 148 -13.11 6.97 -5.43
CA ALA A 148 -11.96 6.60 -6.26
C ALA A 148 -12.18 5.25 -6.94
N ALA A 149 -12.65 4.25 -6.18
CA ALA A 149 -12.95 2.96 -6.80
C ALA A 149 -14.04 3.13 -7.86
N ALA A 150 -15.06 3.96 -7.58
CA ALA A 150 -16.12 4.13 -8.57
C ALA A 150 -15.59 4.75 -9.84
N VAL A 151 -14.72 5.76 -9.72
CA VAL A 151 -14.12 6.40 -10.89
C VAL A 151 -13.37 5.38 -11.72
N ILE A 152 -12.57 4.53 -11.06
CA ILE A 152 -11.79 3.56 -11.80
C ILE A 152 -12.70 2.52 -12.44
N GLY A 153 -13.71 2.05 -11.73
CA GLY A 153 -14.62 1.07 -12.32
C GLY A 153 -15.38 1.63 -13.51
N LEU A 154 -15.74 2.91 -13.45
CA LEU A 154 -16.43 3.54 -14.57
C LEU A 154 -15.49 3.74 -15.75
N GLN A 155 -14.25 4.15 -15.45
CA GLN A 155 -13.24 4.38 -16.46
C GLN A 155 -12.94 3.11 -17.25
N LEU A 156 -12.80 1.98 -16.55
CA LEU A 156 -12.34 0.74 -17.16
C LEU A 156 -13.47 -0.24 -17.46
N GLY A 157 -14.67 0.02 -16.95
CA GLY A 157 -15.82 -0.81 -17.30
C GLY A 157 -15.95 -2.07 -16.47
N ALA A 158 -15.77 -1.98 -15.16
CA ALA A 158 -15.81 -3.14 -14.28
C ALA A 158 -17.22 -3.32 -13.75
N ARG A 159 -17.87 -4.44 -14.09
CA ARG A 159 -19.26 -4.67 -13.71
C ARG A 159 -19.45 -5.87 -12.78
N ALA A 160 -18.35 -6.46 -12.31
CA ALA A 160 -18.40 -7.57 -11.35
C ALA A 160 -18.03 -7.11 -9.95
N GLY A 161 -18.36 -5.88 -9.60
CA GLY A 161 -18.17 -5.40 -8.23
C GLY A 161 -17.15 -4.26 -8.18
N VAL A 162 -17.46 -3.21 -7.43
CA VAL A 162 -16.54 -2.08 -7.23
C VAL A 162 -16.54 -1.83 -5.71
N MET A 163 -15.45 -2.18 -5.04
CA MET A 163 -15.44 -2.26 -3.58
C MET A 163 -14.33 -1.38 -3.04
N THR A 164 -14.57 -0.83 -1.84
CA THR A 164 -13.64 0.06 -1.14
C THR A 164 -13.53 -0.38 0.31
N PRO A 165 -12.47 -1.08 0.68
CA PRO A 165 -12.25 -1.39 2.10
C PRO A 165 -11.46 -0.25 2.74
N VAL A 166 -11.81 0.04 3.99
N VAL A 166 -11.82 0.10 3.97
CA VAL A 166 -11.14 1.07 4.77
CA VAL A 166 -11.05 1.11 4.69
C VAL A 166 -10.58 0.42 6.02
C VAL A 166 -10.58 0.49 6.00
N SER A 167 -9.25 0.45 6.17
CA SER A 167 -8.61 -0.14 7.33
C SER A 167 -7.28 0.56 7.57
N ALA A 168 -7.28 1.90 7.42
CA ALA A 168 -6.09 2.72 7.66
C ALA A 168 -4.91 2.13 6.88
N CYS A 169 -3.78 1.86 7.55
CA CYS A 169 -2.56 1.44 6.87
C CYS A 169 -2.73 0.13 6.11
N SER A 170 -3.73 -0.67 6.41
CA SER A 170 -3.95 -1.93 5.72
CA SER A 170 -3.85 -1.91 5.66
C SER A 170 -4.87 -1.83 4.53
N SER A 171 -5.40 -0.63 4.22
CA SER A 171 -6.47 -0.54 3.22
C SER A 171 -6.05 -1.07 1.84
N GLY A 172 -4.84 -0.72 1.40
CA GLY A 172 -4.41 -1.08 0.04
C GLY A 172 -4.11 -2.55 -0.13
N SER A 173 -3.64 -3.20 0.95
CA SER A 173 -3.46 -4.64 0.96
CA SER A 173 -3.47 -4.64 0.93
C SER A 173 -4.80 -5.35 1.11
N GLU A 174 -5.66 -4.84 2.00
CA GLU A 174 -6.98 -5.46 2.15
C GLU A 174 -7.73 -5.43 0.82
N ALA A 175 -7.54 -4.37 0.01
CA ALA A 175 -8.22 -4.31 -1.28
C ALA A 175 -7.77 -5.47 -2.17
N ILE A 176 -6.46 -5.75 -2.16
CA ILE A 176 -5.96 -6.86 -2.95
C ILE A 176 -6.50 -8.18 -2.41
N ALA A 177 -6.59 -8.30 -1.08
CA ALA A 177 -7.19 -9.50 -0.49
C ALA A 177 -8.61 -9.73 -0.98
N HIS A 178 -9.44 -8.68 -0.95
CA HIS A 178 -10.83 -8.84 -1.35
C HIS A 178 -10.96 -9.09 -2.84
N ALA A 179 -10.08 -8.51 -3.66
CA ALA A 179 -10.10 -8.83 -5.08
C ALA A 179 -9.78 -10.29 -5.31
N TRP A 180 -8.80 -10.81 -4.58
CA TRP A 180 -8.47 -12.22 -4.68
C TRP A 180 -9.68 -13.08 -4.29
N ARG A 181 -10.38 -12.70 -3.21
CA ARG A 181 -11.59 -13.41 -2.82
C ARG A 181 -12.65 -13.36 -3.92
N GLN A 182 -12.84 -12.18 -4.51
CA GLN A 182 -13.84 -12.04 -5.57
C GLN A 182 -13.56 -12.99 -6.73
N ILE A 183 -12.27 -13.24 -7.02
CA ILE A 183 -11.92 -14.17 -8.10
C ILE A 183 -12.06 -15.62 -7.64
N VAL A 184 -11.52 -15.96 -6.46
CA VAL A 184 -11.51 -17.38 -6.11
C VAL A 184 -12.89 -17.88 -5.72
N MET A 185 -13.80 -16.99 -5.29
CA MET A 185 -15.18 -17.41 -5.07
C MET A 185 -15.99 -17.48 -6.36
N GLY A 186 -15.41 -17.06 -7.48
CA GLY A 186 -16.05 -17.23 -8.79
C GLY A 186 -16.82 -16.03 -9.30
N ASP A 187 -16.73 -14.90 -8.63
CA ASP A 187 -17.51 -13.72 -9.02
C ASP A 187 -16.84 -12.91 -10.11
N ALA A 188 -15.55 -13.13 -10.34
CA ALA A 188 -14.82 -12.35 -11.32
C ALA A 188 -13.65 -13.18 -11.79
N ASP A 189 -13.14 -12.84 -12.97
CA ASP A 189 -11.95 -13.47 -13.51
C ASP A 189 -10.75 -12.55 -13.55
N VAL A 190 -10.96 -11.24 -13.40
CA VAL A 190 -9.91 -10.24 -13.51
C VAL A 190 -10.30 -9.07 -12.61
N ALA A 191 -9.30 -8.46 -11.96
CA ALA A 191 -9.61 -7.36 -11.05
C ALA A 191 -8.46 -6.36 -11.03
N VAL A 192 -8.80 -5.08 -11.04
CA VAL A 192 -7.84 -4.01 -10.73
C VAL A 192 -7.95 -3.73 -9.24
N CYS A 193 -6.83 -3.72 -8.53
CA CYS A 193 -6.93 -3.55 -7.08
C CYS A 193 -5.72 -2.81 -6.54
N GLY A 194 -5.91 -2.16 -5.40
CA GLY A 194 -4.77 -1.49 -4.78
C GLY A 194 -5.27 -0.40 -3.88
N GLY A 195 -4.57 0.72 -3.84
CA GLY A 195 -4.95 1.75 -2.90
C GLY A 195 -4.46 3.11 -3.33
N VAL A 196 -5.20 4.14 -2.94
CA VAL A 196 -4.84 5.52 -3.23
C VAL A 196 -4.91 6.29 -1.90
N GLU A 197 -4.25 7.44 -1.86
CA GLU A 197 -4.22 8.20 -0.61
C GLU A 197 -3.91 9.66 -0.93
N GLY A 198 -4.32 10.56 -0.02
CA GLY A 198 -4.08 11.98 -0.26
C GLY A 198 -2.66 12.39 0.06
N PRO A 199 -2.39 13.66 -0.16
CA PRO A 199 -1.02 14.18 -0.01
C PRO A 199 -0.72 14.63 1.40
N ILE A 200 0.57 14.89 1.64
CA ILE A 200 1.02 15.42 2.93
C ILE A 200 0.52 16.85 3.08
N GLU A 201 -0.05 17.15 4.26
CA GLU A 201 -0.47 18.52 4.55
C GLU A 201 -0.32 18.74 6.04
N ALA A 202 -0.60 19.96 6.48
CA ALA A 202 -0.36 20.33 7.88
C ALA A 202 -1.27 19.58 8.85
N LEU A 203 -2.55 19.45 8.54
CA LEU A 203 -3.43 18.79 9.49
C LEU A 203 -3.12 17.28 9.61
N PRO A 204 -2.87 16.54 8.53
CA PRO A 204 -2.42 15.16 8.73
C PRO A 204 -1.17 15.07 9.58
N ILE A 205 -0.18 15.94 9.36
CA ILE A 205 1.03 15.90 10.19
C ILE A 205 0.68 16.16 11.64
N ALA A 206 -0.14 17.18 11.91
CA ALA A 206 -0.48 17.50 13.29
C ALA A 206 -1.17 16.32 13.97
N ALA A 207 -2.11 15.68 13.26
CA ALA A 207 -2.90 14.60 13.87
C ALA A 207 -2.03 13.39 14.23
N PHE A 208 -1.18 12.94 13.30
CA PHE A 208 -0.32 11.80 13.62
C PHE A 208 0.82 12.17 14.56
N SER A 209 1.38 13.39 14.46
CA SER A 209 2.43 13.80 15.39
CA SER A 209 2.44 13.72 15.40
C SER A 209 1.91 13.87 16.82
N MET A 210 0.64 14.24 17.00
CA MET A 210 0.18 14.33 18.38
C MET A 210 0.00 12.97 19.04
N MET A 211 0.05 11.88 18.26
CA MET A 211 0.19 10.53 18.81
C MET A 211 1.62 10.17 19.15
N ARG A 212 2.60 11.04 18.85
CA ARG A 212 4.03 10.73 18.91
C ARG A 212 4.41 9.61 17.93
N ALA A 213 3.67 9.51 16.84
CA ALA A 213 3.85 8.42 15.90
C ALA A 213 4.90 8.72 14.84
N MET A 214 5.37 9.97 14.74
CA MET A 214 6.16 10.40 13.58
C MET A 214 7.58 10.79 13.96
N SER A 215 8.51 10.49 13.07
CA SER A 215 9.90 10.90 13.27
C SER A 215 10.04 12.41 13.19
N THR A 216 10.93 12.96 14.02
CA THR A 216 11.25 14.39 14.00
C THR A 216 12.73 14.61 13.69
N ARG A 217 13.34 13.68 12.95
CA ARG A 217 14.76 13.81 12.62
C ARG A 217 14.90 14.73 11.40
N ASN A 218 14.65 16.01 11.64
CA ASN A 218 14.50 16.96 10.54
C ASN A 218 15.82 17.36 9.90
N ASP A 219 16.94 17.20 10.62
CA ASP A 219 18.23 17.62 10.11
C ASP A 219 18.82 16.68 9.09
N GLU A 220 18.38 15.41 9.08
CA GLU A 220 18.86 14.40 8.14
C GLU A 220 17.65 13.64 7.64
N PRO A 221 16.87 14.26 6.73
CA PRO A 221 15.57 13.67 6.37
C PRO A 221 15.66 12.26 5.80
N GLU A 222 16.65 11.97 4.96
CA GLU A 222 16.76 10.64 4.38
C GLU A 222 17.15 9.58 5.42
N ARG A 223 17.65 10.00 6.57
CA ARG A 223 18.03 9.10 7.66
C ARG A 223 16.92 8.92 8.69
N ALA A 224 15.77 9.56 8.52
CA ALA A 224 14.80 9.60 9.60
C ALA A 224 14.01 8.30 9.77
N SER A 225 13.63 7.65 8.66
CA SER A 225 12.80 6.46 8.69
C SER A 225 13.71 5.25 8.94
N ARG A 226 13.69 4.67 10.14
CA ARG A 226 14.68 3.65 10.52
C ARG A 226 14.03 2.38 11.05
N PRO A 227 13.23 1.70 10.23
CA PRO A 227 12.54 0.50 10.72
C PRO A 227 13.52 -0.54 11.24
N PHE A 228 13.22 -1.06 12.43
CA PHE A 228 13.98 -2.08 13.15
C PHE A 228 15.34 -1.59 13.64
N ASP A 229 15.67 -0.33 13.44
CA ASP A 229 16.88 0.25 13.97
C ASP A 229 16.70 0.67 15.41
N LYS A 230 17.79 0.59 16.20
CA LYS A 230 17.73 0.95 17.62
C LYS A 230 17.32 2.41 17.80
N ASP A 231 17.66 3.28 16.84
CA ASP A 231 17.51 4.72 17.00
C ASP A 231 16.27 5.27 16.30
N ARG A 232 15.35 4.40 15.86
CA ARG A 232 14.13 4.87 15.20
C ARG A 232 13.30 5.71 16.16
N ASP A 233 12.51 6.64 15.58
CA ASP A 233 11.66 7.50 16.40
C ASP A 233 10.33 7.81 15.71
N GLY A 234 9.79 6.87 14.94
CA GLY A 234 8.48 7.01 14.35
C GLY A 234 8.53 6.99 12.84
N PHE A 235 7.35 7.09 12.24
CA PHE A 235 7.26 6.95 10.80
C PHE A 235 7.42 8.30 10.11
N VAL A 236 7.67 8.23 8.80
CA VAL A 236 7.70 9.41 7.94
CA VAL A 236 7.71 9.40 7.93
C VAL A 236 6.63 9.23 6.86
N PHE A 237 5.94 10.31 6.54
CA PHE A 237 5.00 10.26 5.42
C PHE A 237 5.77 10.20 4.11
N GLY A 238 5.34 9.31 3.22
CA GLY A 238 5.81 9.32 1.84
C GLY A 238 4.61 9.03 0.96
N GLU A 239 4.24 9.99 0.13
CA GLU A 239 3.04 9.88 -0.70
C GLU A 239 3.15 8.73 -1.69
N ALA A 240 2.00 8.13 -2.00
CA ALA A 240 1.98 7.08 -3.02
C ALA A 240 0.55 6.74 -3.41
N GLY A 241 0.46 6.09 -4.57
CA GLY A 241 -0.73 5.33 -4.95
C GLY A 241 -0.23 4.15 -5.77
N ALA A 242 -0.96 3.05 -5.72
CA ALA A 242 -0.49 1.87 -6.45
C ALA A 242 -1.67 0.97 -6.80
N LEU A 243 -1.61 0.38 -7.99
CA LEU A 243 -2.62 -0.57 -8.43
C LEU A 243 -1.93 -1.76 -9.07
N MET A 244 -2.54 -2.93 -8.98
CA MET A 244 -2.09 -4.06 -9.77
C MET A 244 -3.28 -4.68 -10.47
N LEU A 245 -2.99 -5.36 -11.59
CA LEU A 245 -3.99 -6.16 -12.29
C LEU A 245 -3.76 -7.62 -11.92
N ILE A 246 -4.80 -8.27 -11.40
CA ILE A 246 -4.74 -9.70 -11.11
C ILE A 246 -5.81 -10.39 -11.93
N GLU A 247 -5.58 -11.66 -12.23
CA GLU A 247 -6.55 -12.40 -13.04
C GLU A 247 -6.24 -13.89 -12.92
N THR A 248 -7.22 -14.73 -13.27
CA THR A 248 -6.93 -16.15 -13.21
C THR A 248 -5.80 -16.47 -14.19
N GLU A 249 -5.01 -17.48 -13.86
CA GLU A 249 -3.93 -17.88 -14.75
C GLU A 249 -4.48 -18.25 -16.12
N GLU A 250 -5.65 -18.90 -16.16
CA GLU A 250 -6.25 -19.27 -17.44
C GLU A 250 -6.67 -18.04 -18.24
N HIS A 251 -7.19 -17.01 -17.57
CA HIS A 251 -7.52 -15.76 -18.23
C HIS A 251 -6.27 -15.10 -18.79
N ALA A 252 -5.18 -15.07 -18.01
CA ALA A 252 -3.95 -14.46 -18.49
C ALA A 252 -3.40 -15.20 -19.69
N LYS A 253 -3.35 -16.53 -19.59
CA LYS A 253 -2.84 -17.33 -20.70
C LYS A 253 -3.67 -17.13 -21.95
N ALA A 254 -4.99 -16.97 -21.81
CA ALA A 254 -5.86 -16.86 -22.98
C ALA A 254 -5.66 -15.56 -23.75
N ARG A 255 -5.17 -14.50 -23.10
CA ARG A 255 -4.92 -13.24 -23.78
C ARG A 255 -3.43 -12.96 -23.98
N GLY A 256 -2.56 -13.94 -23.69
CA GLY A 256 -1.14 -13.76 -23.89
C GLY A 256 -0.44 -12.86 -22.88
N ALA A 257 -1.01 -12.64 -21.70
CA ALA A 257 -0.38 -11.82 -20.69
C ALA A 257 0.66 -12.62 -19.92
N LYS A 258 1.83 -12.02 -19.73
CA LYS A 258 2.93 -12.70 -19.02
C LYS A 258 2.86 -12.37 -17.53
N PRO A 259 2.61 -13.33 -16.66
CA PRO A 259 2.51 -13.03 -15.23
C PRO A 259 3.83 -12.56 -14.65
N LEU A 260 3.73 -11.64 -13.69
CA LEU A 260 4.87 -11.16 -12.92
C LEU A 260 5.06 -11.95 -11.63
N ALA A 261 4.01 -12.58 -11.12
CA ALA A 261 4.03 -13.34 -9.87
C ALA A 261 2.65 -13.98 -9.71
N ARG A 262 2.53 -14.84 -8.70
CA ARG A 262 1.27 -15.45 -8.31
C ARG A 262 0.81 -14.84 -7.00
N LEU A 263 -0.50 -14.58 -6.88
CA LEU A 263 -1.11 -14.13 -5.64
C LEU A 263 -1.82 -15.36 -5.06
N LEU A 264 -1.30 -15.89 -3.96
CA LEU A 264 -1.62 -17.25 -3.53
C LEU A 264 -2.62 -17.31 -2.39
N GLY A 265 -2.68 -16.28 -1.54
CA GLY A 265 -3.58 -16.32 -0.40
C GLY A 265 -3.52 -15.02 0.35
N ALA A 266 -4.53 -14.80 1.20
CA ALA A 266 -4.69 -13.54 1.93
C ALA A 266 -5.28 -13.83 3.30
N GLY A 267 -4.66 -13.28 4.36
CA GLY A 267 -5.20 -13.47 5.71
C GLY A 267 -5.61 -12.13 6.28
N ILE A 268 -6.83 -12.06 6.83
CA ILE A 268 -7.32 -10.84 7.47
C ILE A 268 -7.72 -11.20 8.89
N THR A 269 -7.07 -10.59 9.87
CA THR A 269 -7.42 -10.77 11.28
C THR A 269 -7.47 -9.39 11.93
N SER A 270 -7.72 -9.39 13.24
CA SER A 270 -7.78 -8.13 13.95
C SER A 270 -7.26 -8.33 15.37
N ASP A 271 -6.74 -7.23 15.96
CA ASP A 271 -6.16 -7.29 17.30
C ASP A 271 -7.19 -7.21 18.41
N ALA A 272 -8.24 -6.40 18.22
CA ALA A 272 -9.16 -6.02 19.29
C ALA A 272 -8.39 -5.70 20.57
N PHE A 273 -7.43 -4.78 20.42
CA PHE A 273 -6.50 -4.49 21.52
C PHE A 273 -6.53 -3.02 21.91
N HIS A 274 -6.49 -2.11 20.93
CA HIS A 274 -6.33 -0.68 21.18
C HIS A 274 -6.69 0.05 19.88
N MET A 275 -7.19 1.28 20.02
CA MET A 275 -7.61 1.95 18.79
C MET A 275 -6.47 2.36 17.88
N VAL A 276 -5.24 2.51 18.39
CA VAL A 276 -4.14 2.86 17.50
CA VAL A 276 -4.11 2.92 17.56
C VAL A 276 -2.90 2.02 17.76
N ALA A 277 -2.71 1.55 19.00
CA ALA A 277 -1.47 0.76 19.23
C ALA A 277 -1.65 -0.70 18.81
N PRO A 278 -0.65 -1.29 18.15
CA PRO A 278 -0.73 -2.72 17.87
C PRO A 278 -0.49 -3.53 19.12
N ALA A 279 -1.05 -4.73 19.13
CA ALA A 279 -0.84 -5.60 20.27
C ALA A 279 0.63 -5.97 20.39
N ALA A 280 1.19 -5.84 21.59
CA ALA A 280 2.61 -6.09 21.74
C ALA A 280 2.99 -7.52 21.39
N ASP A 281 2.09 -8.47 21.63
CA ASP A 281 2.50 -9.87 21.50
C ASP A 281 2.53 -10.35 20.06
N GLY A 282 2.02 -9.55 19.14
CA GLY A 282 2.06 -9.90 17.73
C GLY A 282 1.25 -11.12 17.34
N VAL A 283 0.38 -11.61 18.22
CA VAL A 283 -0.24 -12.90 17.97
C VAL A 283 -1.25 -12.83 16.83
N ARG A 284 -2.21 -11.89 16.90
CA ARG A 284 -3.20 -11.83 15.83
C ARG A 284 -2.58 -11.40 14.51
N ALA A 285 -1.58 -10.51 14.54
CA ALA A 285 -0.90 -10.14 13.31
C ALA A 285 -0.16 -11.34 12.73
N GLY A 286 0.47 -12.14 13.59
CA GLY A 286 1.11 -13.37 13.10
C GLY A 286 0.10 -14.32 12.49
N ARG A 287 -1.09 -14.39 13.10
CA ARG A 287 -2.14 -15.26 12.60
C ARG A 287 -2.60 -14.85 11.20
N ALA A 288 -2.60 -13.54 10.91
CA ALA A 288 -2.90 -13.14 9.53
C ALA A 288 -1.87 -13.73 8.58
N MET A 289 -0.59 -13.73 8.99
CA MET A 289 0.42 -14.34 8.13
C MET A 289 0.14 -15.83 7.99
N THR A 290 -0.15 -16.51 9.10
CA THR A 290 -0.41 -17.94 9.05
C THR A 290 -1.60 -18.26 8.17
N ARG A 291 -2.67 -17.46 8.27
CA ARG A 291 -3.88 -17.68 7.47
C ARG A 291 -3.57 -17.56 5.98
N SER A 292 -2.77 -16.55 5.59
CA SER A 292 -2.41 -16.44 4.19
C SER A 292 -1.68 -17.68 3.72
N LEU A 293 -0.86 -18.29 4.59
CA LEU A 293 -0.17 -19.53 4.22
C LEU A 293 -1.15 -20.70 4.11
N GLU A 294 -2.13 -20.79 5.02
CA GLU A 294 -3.10 -21.87 4.94
C GLU A 294 -3.86 -21.83 3.63
N LEU A 295 -4.29 -20.63 3.22
CA LEU A 295 -5.04 -20.48 1.98
C LEU A 295 -4.16 -20.75 0.77
N ALA A 296 -2.88 -20.37 0.84
CA ALA A 296 -1.96 -20.66 -0.26
C ALA A 296 -1.60 -22.14 -0.34
N GLY A 297 -1.59 -22.82 0.81
CA GLY A 297 -1.05 -24.17 0.87
C GLY A 297 0.43 -24.22 1.09
N LEU A 298 0.98 -23.26 1.82
CA LEU A 298 2.38 -23.16 2.13
C LEU A 298 2.61 -23.40 3.62
N SER A 299 3.81 -23.80 3.95
CA SER A 299 4.21 -23.82 5.34
C SER A 299 5.18 -22.68 5.60
N PRO A 300 5.38 -22.28 6.87
CA PRO A 300 6.29 -21.15 7.12
C PRO A 300 7.70 -21.36 6.58
N ALA A 301 8.19 -22.61 6.52
CA ALA A 301 9.52 -22.87 5.97
C ALA A 301 9.63 -22.49 4.51
N ASP A 302 8.50 -22.35 3.80
CA ASP A 302 8.54 -21.95 2.40
C ASP A 302 8.79 -20.47 2.21
N ILE A 303 8.63 -19.67 3.26
CA ILE A 303 8.59 -18.22 3.09
C ILE A 303 10.02 -17.72 3.13
N ASP A 304 10.51 -17.27 1.99
CA ASP A 304 11.88 -16.79 1.86
C ASP A 304 12.02 -15.31 2.17
N HIS A 305 10.92 -14.55 2.14
CA HIS A 305 10.97 -13.10 2.16
C HIS A 305 9.71 -12.56 2.82
N VAL A 306 9.88 -11.57 3.70
CA VAL A 306 8.77 -10.83 4.26
C VAL A 306 9.00 -9.37 3.94
N ASN A 307 7.99 -8.76 3.31
CA ASN A 307 7.97 -7.32 3.10
C ASN A 307 7.22 -6.77 4.30
N ALA A 308 7.99 -6.25 5.26
CA ALA A 308 7.47 -5.89 6.57
C ALA A 308 6.53 -4.70 6.47
N HIS A 309 5.62 -4.60 7.44
CA HIS A 309 4.90 -3.35 7.60
C HIS A 309 5.86 -2.25 8.01
N GLY A 310 6.74 -2.54 8.98
CA GLY A 310 7.91 -1.74 9.30
C GLY A 310 7.75 -0.24 9.18
N THR A 311 6.91 0.35 10.03
CA THR A 311 6.72 1.80 10.00
C THR A 311 7.83 2.58 10.70
N ALA A 312 8.63 1.91 11.55
CA ALA A 312 9.68 2.49 12.36
C ALA A 312 9.18 3.21 13.61
N THR A 313 7.94 3.00 14.02
CA THR A 313 7.61 3.40 15.39
C THR A 313 8.26 2.42 16.34
N PRO A 314 8.63 2.87 17.54
CA PRO A 314 9.11 1.92 18.55
C PRO A 314 8.16 0.74 18.75
N ILE A 315 6.87 0.97 19.01
CA ILE A 315 6.05 -0.16 19.40
C ILE A 315 5.62 -1.00 18.20
N GLY A 316 5.51 -0.39 17.02
CA GLY A 316 5.04 -1.13 15.86
C GLY A 316 6.06 -2.16 15.39
N ASP A 317 7.33 -1.76 15.31
CA ASP A 317 8.33 -2.70 14.82
C ASP A 317 8.54 -3.83 15.81
N ALA A 318 8.43 -3.53 17.10
CA ALA A 318 8.57 -4.57 18.11
C ALA A 318 7.43 -5.58 18.00
N ALA A 319 6.21 -5.08 17.83
CA ALA A 319 5.06 -5.98 17.69
C ALA A 319 5.21 -6.85 16.46
N GLU A 320 5.66 -6.25 15.34
CA GLU A 320 5.79 -7.01 14.09
C GLU A 320 6.88 -8.07 14.21
N ALA A 321 7.97 -7.76 14.93
CA ALA A 321 9.00 -8.77 15.14
C ALA A 321 8.41 -9.96 15.87
N ASN A 322 7.55 -9.71 16.87
CA ASN A 322 6.88 -10.82 17.55
C ASN A 322 5.96 -11.55 16.58
N ALA A 323 5.21 -10.80 15.76
CA ALA A 323 4.30 -11.39 14.78
C ALA A 323 5.03 -12.34 13.84
N ILE A 324 6.12 -11.86 13.26
CA ILE A 324 6.91 -12.70 12.34
C ILE A 324 7.40 -13.97 13.03
N ARG A 325 7.85 -13.86 14.30
CA ARG A 325 8.25 -15.05 15.03
C ARG A 325 7.05 -15.97 15.28
N VAL A 326 5.92 -15.40 15.72
CA VAL A 326 4.72 -16.18 15.98
C VAL A 326 4.33 -17.00 14.74
N ALA A 327 4.47 -16.39 13.56
CA ALA A 327 4.09 -17.06 12.33
C ALA A 327 5.14 -18.06 11.84
N GLY A 328 6.28 -18.19 12.53
CA GLY A 328 7.30 -19.11 12.08
C GLY A 328 8.11 -18.64 10.90
N CYS A 329 8.11 -17.35 10.64
CA CYS A 329 8.76 -16.77 9.47
C CYS A 329 10.02 -15.98 9.81
N ASP A 330 10.60 -16.17 10.99
CA ASP A 330 11.70 -15.28 11.34
C ASP A 330 13.03 -15.68 10.73
N GLN A 331 13.08 -16.70 9.86
CA GLN A 331 14.25 -16.94 9.06
C GLN A 331 14.16 -16.31 7.68
N ALA A 332 13.06 -15.65 7.37
CA ALA A 332 12.87 -14.98 6.09
C ALA A 332 13.75 -13.74 6.00
N ALA A 333 14.18 -13.42 4.78
CA ALA A 333 14.85 -12.14 4.52
C ALA A 333 13.81 -11.03 4.56
N VAL A 334 14.03 -10.03 5.41
CA VAL A 334 13.05 -8.98 5.68
C VAL A 334 13.46 -7.68 5.00
N TYR A 335 12.51 -7.04 4.32
CA TYR A 335 12.65 -5.70 3.75
C TYR A 335 11.60 -4.78 4.39
N ALA A 336 12.02 -3.59 4.79
CA ALA A 336 11.07 -2.59 5.28
C ALA A 336 11.10 -1.39 4.33
N PRO A 337 10.29 -1.40 3.27
CA PRO A 337 10.36 -0.32 2.27
C PRO A 337 9.99 1.05 2.78
N LYS A 338 9.25 1.17 3.90
CA LYS A 338 9.01 2.50 4.43
C LYS A 338 10.29 3.22 4.81
N SER A 339 11.41 2.49 4.91
CA SER A 339 12.71 3.11 5.17
C SER A 339 13.08 4.09 4.07
N ALA A 340 12.60 3.85 2.85
CA ALA A 340 12.91 4.63 1.67
C ALA A 340 11.74 5.40 1.11
N LEU A 341 10.53 4.83 1.18
CA LEU A 341 9.34 5.38 0.57
C LEU A 341 8.38 6.01 1.56
N GLY A 342 8.63 5.86 2.86
CA GLY A 342 7.69 6.38 3.85
C GLY A 342 6.35 5.67 3.84
N HIS A 343 5.43 6.25 4.62
CA HIS A 343 4.13 5.67 4.90
C HIS A 343 3.09 6.46 4.12
N SER A 344 2.30 5.76 3.29
CA SER A 344 1.20 6.38 2.53
C SER A 344 -0.16 5.85 2.94
N ILE A 345 -0.28 5.37 4.19
CA ILE A 345 -1.59 5.09 4.81
C ILE A 345 -2.37 4.17 3.88
N GLY A 346 -3.49 4.63 3.31
CA GLY A 346 -4.35 3.70 2.56
C GLY A 346 -3.75 3.17 1.27
N ALA A 347 -2.68 3.77 0.78
CA ALA A 347 -2.02 3.25 -0.43
C ALA A 347 -0.90 2.27 -0.14
N VAL A 348 -0.35 2.29 1.07
CA VAL A 348 1.00 1.74 1.22
C VAL A 348 1.00 0.23 1.12
N GLY A 349 -0.10 -0.42 1.53
CA GLY A 349 -0.14 -1.87 1.45
C GLY A 349 -0.16 -2.34 0.01
N ALA A 350 -0.83 -1.57 -0.85
CA ALA A 350 -0.80 -1.86 -2.29
C ALA A 350 0.58 -1.63 -2.88
N LEU A 351 1.19 -0.49 -2.55
CA LEU A 351 2.55 -0.23 -3.01
C LEU A 351 3.51 -1.35 -2.59
N GLU A 352 3.44 -1.77 -1.33
CA GLU A 352 4.39 -2.79 -0.88
C GLU A 352 4.07 -4.15 -1.49
N SER A 353 2.80 -4.40 -1.82
CA SER A 353 2.45 -5.61 -2.54
C SER A 353 3.08 -5.62 -3.93
N VAL A 354 3.06 -4.47 -4.61
CA VAL A 354 3.76 -4.34 -5.90
C VAL A 354 5.26 -4.61 -5.71
N LEU A 355 5.85 -4.03 -4.66
CA LEU A 355 7.29 -4.27 -4.45
C LEU A 355 7.57 -5.75 -4.19
N THR A 356 6.68 -6.42 -3.46
CA THR A 356 6.86 -7.85 -3.20
C THR A 356 6.85 -8.64 -4.52
N VAL A 357 5.91 -8.31 -5.39
CA VAL A 357 5.88 -8.90 -6.74
C VAL A 357 7.20 -8.70 -7.47
N LEU A 358 7.74 -7.47 -7.42
CA LEU A 358 8.99 -7.21 -8.13
C LEU A 358 10.15 -7.96 -7.50
N THR A 359 10.16 -8.11 -6.17
CA THR A 359 11.21 -8.90 -5.54
C THR A 359 11.19 -10.33 -6.07
N LEU A 360 10.00 -10.93 -6.17
CA LEU A 360 9.90 -12.30 -6.69
C LEU A 360 10.28 -12.38 -8.15
N ARG A 361 9.85 -11.40 -8.95
CA ARG A 361 10.13 -11.40 -10.37
C ARG A 361 11.64 -11.35 -10.63
N ASP A 362 12.33 -10.48 -9.89
CA ASP A 362 13.71 -10.15 -10.17
C ASP A 362 14.71 -10.82 -9.24
N GLY A 363 14.24 -11.55 -8.23
CA GLY A 363 15.14 -12.28 -7.35
C GLY A 363 16.06 -11.38 -6.56
N VAL A 364 15.52 -10.26 -6.06
CA VAL A 364 16.35 -9.28 -5.38
C VAL A 364 15.49 -8.50 -4.41
N ILE A 365 16.05 -8.21 -3.24
CA ILE A 365 15.43 -7.37 -2.22
C ILE A 365 16.26 -6.11 -2.08
N PRO A 366 15.67 -4.92 -2.16
CA PRO A 366 16.46 -3.70 -1.96
C PRO A 366 16.90 -3.57 -0.51
N PRO A 367 17.92 -2.75 -0.23
CA PRO A 367 18.38 -2.57 1.14
C PRO A 367 17.38 -1.77 1.96
N THR A 368 17.15 -2.21 3.20
CA THR A 368 16.41 -1.39 4.17
C THR A 368 17.30 -0.21 4.54
N LEU A 369 16.89 1.00 4.19
CA LEU A 369 17.72 2.14 4.50
C LEU A 369 17.78 2.37 6.00
N ASN A 370 18.91 2.92 6.45
CA ASN A 370 19.08 3.45 7.80
C ASN A 370 19.15 2.36 8.85
N TYR A 371 19.22 1.10 8.44
CA TYR A 371 19.39 -0.01 9.37
C TYR A 371 20.89 -0.12 9.68
N GLU A 372 21.31 0.55 10.76
CA GLU A 372 22.73 0.72 11.07
C GLU A 372 23.14 0.17 12.43
N THR A 373 22.28 0.32 13.45
CA THR A 373 22.54 -0.25 14.77
C THR A 373 21.27 -1.01 15.10
N PRO A 374 21.18 -2.28 14.73
CA PRO A 374 19.92 -3.01 14.91
C PRO A 374 19.50 -3.02 16.37
N ASP A 375 18.23 -2.74 16.59
CA ASP A 375 17.63 -2.82 17.92
C ASP A 375 18.01 -4.14 18.58
N PRO A 376 18.69 -4.10 19.72
CA PRO A 376 19.12 -5.35 20.39
C PRO A 376 17.98 -6.28 20.72
N GLU A 377 16.75 -5.78 20.85
CA GLU A 377 15.60 -6.58 21.23
C GLU A 377 14.85 -7.16 20.04
N ILE A 378 15.28 -6.85 18.82
CA ILE A 378 14.69 -7.42 17.61
C ILE A 378 15.80 -8.14 16.88
N ASP A 379 15.54 -9.36 16.42
CA ASP A 379 16.55 -10.20 15.77
C ASP A 379 15.88 -10.77 14.53
N LEU A 380 15.83 -9.96 13.49
CA LEU A 380 15.33 -10.36 12.19
C LEU A 380 16.45 -10.26 11.17
N ASP A 381 16.29 -10.98 10.06
CA ASP A 381 17.29 -10.97 9.00
C ASP A 381 16.90 -9.84 8.04
N VAL A 382 17.22 -8.62 8.46
CA VAL A 382 16.89 -7.43 7.69
C VAL A 382 17.90 -7.23 6.56
N VAL A 383 17.41 -7.17 5.32
CA VAL A 383 18.29 -6.90 4.20
C VAL A 383 18.74 -5.44 4.27
N ALA A 384 20.05 -5.21 4.12
CA ALA A 384 20.55 -3.86 4.30
C ALA A 384 21.90 -3.75 3.62
N GLY A 385 22.34 -2.52 3.39
CA GLY A 385 23.66 -2.28 2.85
C GLY A 385 23.58 -2.11 1.35
N GLU A 386 23.27 -3.20 0.65
CA GLU A 386 23.02 -3.18 -0.79
C GLU A 386 21.99 -4.25 -1.07
N PRO A 387 21.40 -4.26 -2.27
CA PRO A 387 20.36 -5.26 -2.56
C PRO A 387 20.88 -6.68 -2.36
N ARG A 388 20.01 -7.55 -1.85
CA ARG A 388 20.38 -8.96 -1.73
C ARG A 388 19.72 -9.75 -2.85
N TYR A 389 20.56 -10.28 -3.75
CA TYR A 389 20.08 -11.19 -4.77
C TYR A 389 19.95 -12.58 -4.16
N GLY A 390 18.79 -13.20 -4.32
CA GLY A 390 18.56 -14.50 -3.71
C GLY A 390 17.43 -15.25 -4.36
N ASP A 391 17.36 -16.54 -4.05
CA ASP A 391 16.38 -17.45 -4.66
C ASP A 391 15.06 -17.36 -3.89
N TYR A 392 14.32 -16.28 -4.11
CA TYR A 392 13.09 -16.06 -3.37
C TYR A 392 11.94 -16.74 -4.10
N ARG A 393 11.38 -17.80 -3.50
CA ARG A 393 10.30 -18.56 -4.09
C ARG A 393 8.93 -18.08 -3.64
N TYR A 394 8.80 -17.71 -2.37
CA TYR A 394 7.54 -17.27 -1.81
C TYR A 394 7.81 -16.12 -0.86
N ALA A 395 6.82 -15.22 -0.75
CA ALA A 395 6.97 -14.03 0.08
C ALA A 395 5.63 -13.67 0.70
N VAL A 396 5.68 -13.03 1.86
CA VAL A 396 4.50 -12.49 2.50
C VAL A 396 4.69 -10.99 2.63
N ASN A 397 3.67 -10.22 2.22
CA ASN A 397 3.64 -8.79 2.49
C ASN A 397 2.73 -8.54 3.66
N ASN A 398 3.25 -7.82 4.68
CA ASN A 398 2.49 -7.49 5.89
C ASN A 398 2.02 -6.04 5.85
N SER A 399 0.81 -5.81 6.36
CA SER A 399 0.30 -4.47 6.61
CA SER A 399 0.30 -4.47 6.61
C SER A 399 -0.59 -4.56 7.85
N PHE A 400 -0.23 -3.82 8.91
CA PHE A 400 -0.95 -3.87 10.18
C PHE A 400 -1.42 -2.45 10.51
N GLY A 401 -2.69 -2.16 10.20
CA GLY A 401 -3.19 -0.80 10.21
C GLY A 401 -3.68 -0.34 11.58
N PHE A 402 -3.60 0.98 11.81
CA PHE A 402 -4.24 1.60 12.96
C PHE A 402 -5.70 1.17 13.07
N GLY A 403 -6.10 0.77 14.27
CA GLY A 403 -7.39 0.15 14.47
C GLY A 403 -7.26 -1.33 14.75
N GLY A 404 -6.11 -1.91 14.45
CA GLY A 404 -5.84 -3.29 14.73
C GLY A 404 -6.14 -4.20 13.58
N HIS A 405 -6.09 -3.68 12.36
CA HIS A 405 -6.44 -4.44 11.16
C HIS A 405 -5.20 -5.08 10.59
N ASN A 406 -5.14 -6.41 10.59
CA ASN A 406 -3.98 -7.14 10.09
C ASN A 406 -4.28 -7.80 8.75
N VAL A 407 -3.48 -7.50 7.74
CA VAL A 407 -3.62 -8.14 6.44
C VAL A 407 -2.26 -8.69 6.04
N ALA A 408 -2.23 -9.97 5.67
CA ALA A 408 -1.03 -10.57 5.11
C ALA A 408 -1.38 -11.15 3.74
N LEU A 409 -0.53 -10.89 2.75
CA LEU A 409 -0.70 -11.39 1.38
C LEU A 409 0.46 -12.31 1.04
N ALA A 410 0.14 -13.54 0.61
CA ALA A 410 1.15 -14.53 0.24
C ALA A 410 1.29 -14.54 -1.28
N PHE A 411 2.51 -14.31 -1.76
CA PHE A 411 2.81 -14.28 -3.19
C PHE A 411 3.84 -15.35 -3.51
N GLY A 412 3.85 -15.81 -4.76
CA GLY A 412 4.84 -16.77 -5.19
C GLY A 412 5.44 -16.35 -6.52
N ARG A 413 6.68 -16.79 -6.74
CA ARG A 413 7.34 -16.57 -8.01
CA ARG A 413 7.33 -16.54 -8.02
C ARG A 413 6.58 -17.28 -9.12
N TYR A 414 6.46 -16.64 -10.27
CA TYR A 414 5.85 -17.29 -11.41
C TYR A 414 6.93 -18.00 -12.21
NA NA B . 5.06 -4.58 3.70
C1 IPA C . 0.49 4.70 18.96
C2 IPA C . 1.47 3.99 18.04
C3 IPA C . 0.71 3.11 17.09
O2 IPA C . 2.24 4.94 17.34
C1 IPA D . -6.61 9.89 9.00
C2 IPA D . -7.35 8.56 8.92
C3 IPA D . -8.58 8.69 8.04
O2 IPA D . -6.53 7.56 8.35
C1 IPA E . -1.62 19.50 -3.60
C2 IPA E . -2.85 18.72 -4.02
C3 IPA E . -4.12 19.48 -3.62
O2 IPA E . -2.82 18.47 -5.42
C1 IPA F . -18.46 28.17 -12.20
C2 IPA F . -17.59 28.97 -13.18
C3 IPA F . -16.98 28.03 -14.22
O2 IPA F . -18.37 29.95 -13.84
C1 IPA G . 5.70 -7.35 25.34
C2 IPA G . 5.71 -8.37 24.20
C3 IPA G . 7.01 -9.18 24.24
O2 IPA G . 4.58 -9.22 24.27
C1 GOL H . 6.46 -2.25 -15.85
O1 GOL H . 5.83 -0.97 -15.79
C2 GOL H . 5.52 -3.38 -15.38
O2 GOL H . 5.78 -4.58 -16.08
C3 GOL H . 4.06 -2.83 -15.65
O3 GOL H . 3.15 -3.85 -15.39
C10 O6G I . -5.59 12.33 3.14
C13 O6G I . -2.21 12.03 4.54
C15 O6G I . -0.09 11.46 3.44
C02 O6G I . -5.43 15.89 1.92
C03 O6G I . -6.36 16.27 0.97
C04 O6G I . -6.45 17.66 0.36
N05 O6G I . -6.49 18.70 -0.10
N06 O6G I . -7.16 15.22 0.70
C07 O6G I . -6.75 14.15 1.47
C09 O6G I . -6.67 11.94 2.37
C14 O6G I . -1.34 10.88 4.08
C01 O6G I . -4.35 16.78 2.49
C08 O6G I . -7.28 12.85 1.52
C16 O6G I . 0.70 10.31 2.79
C19 O6G I . -5.05 13.62 3.11
C20 O6G I . -5.67 14.54 2.23
N11 O6G I . -5.06 11.27 3.95
O17 O6G I . -3.77 10.11 5.68
O18 O6G I . -4.27 12.45 6.05
S12 O6G I . -3.84 11.41 5.09
#